data_8ERU
#
_entry.id   8ERU
#
_entity_poly.entity_id   1
_entity_poly.type   'polypeptide(L)'
_entity_poly.pdbx_seq_one_letter_code
;INLKKLAARIKKKI(NH2)
;
_entity_poly.pdbx_strand_id   B
#
# COMPACT_ATOMS: atom_id res chain seq x y z
N ILE A 1 4.69 -0.37 10.92
CA ILE A 1 5.05 0.06 9.55
C ILE A 1 5.47 -1.14 8.70
N ASN A 2 4.80 -1.34 7.57
CA ASN A 2 5.17 -2.38 6.63
C ASN A 2 5.01 -1.85 5.21
N LEU A 3 6.14 -1.66 4.52
CA LEU A 3 6.14 -1.05 3.20
C LEU A 3 5.32 -1.87 2.19
N LYS A 4 5.24 -3.17 2.41
CA LYS A 4 4.42 -4.03 1.56
C LYS A 4 2.95 -3.72 1.75
N LYS A 5 2.58 -3.43 2.99
CA LYS A 5 1.22 -3.10 3.34
C LYS A 5 0.86 -1.71 2.84
N LEU A 6 1.77 -0.77 3.09
CA LEU A 6 1.56 0.62 2.70
C LEU A 6 1.51 0.77 1.19
N ALA A 7 2.31 -0.04 0.50
CA ALA A 7 2.36 0.00 -0.96
C ALA A 7 1.09 -0.56 -1.57
N ALA A 8 0.61 -1.65 -0.98
CA ALA A 8 -0.62 -2.27 -1.45
C ALA A 8 -1.81 -1.35 -1.26
N ARG A 9 -1.73 -0.47 -0.27
CA ARG A 9 -2.79 0.49 -0.03
C ARG A 9 -2.87 1.51 -1.16
N ILE A 10 -1.77 1.66 -1.89
CA ILE A 10 -1.73 2.57 -3.03
C ILE A 10 -2.50 1.97 -4.21
N LYS A 11 -2.47 0.65 -4.32
CA LYS A 11 -3.19 -0.06 -5.37
C LYS A 11 -4.69 0.23 -5.30
N LYS A 12 -5.20 0.33 -4.07
CA LYS A 12 -6.60 0.60 -3.84
C LYS A 12 -6.93 2.06 -4.14
N LYS A 13 -5.91 2.91 -4.06
CA LYS A 13 -6.09 4.33 -4.33
C LYS A 13 -6.04 4.61 -5.83
N ILE A 14 -5.06 4.03 -6.52
CA ILE A 14 -4.91 4.22 -7.96
C ILE A 14 -5.99 3.44 -8.71
N ILE A 1 6.01 -0.08 10.85
CA ILE A 1 5.63 0.33 9.49
C ILE A 1 5.79 -0.85 8.52
N ASN A 2 4.87 -0.97 7.57
CA ASN A 2 4.92 -2.08 6.62
C ASN A 2 4.71 -1.56 5.20
N LEU A 3 5.81 -1.28 4.51
CA LEU A 3 5.76 -0.73 3.17
C LEU A 3 5.08 -1.67 2.18
N LYS A 4 5.11 -2.97 2.47
CA LYS A 4 4.48 -3.95 1.60
C LYS A 4 2.96 -3.81 1.65
N LYS A 5 2.45 -3.57 2.86
CA LYS A 5 1.04 -3.37 3.08
C LYS A 5 0.61 -2.00 2.58
N LEU A 6 1.43 -0.99 2.88
CA LEU A 6 1.16 0.37 2.45
C LEU A 6 1.18 0.47 0.94
N ALA A 7 2.01 -0.35 0.30
CA ALA A 7 2.13 -0.38 -1.15
C ALA A 7 0.84 -0.88 -1.77
N ALA A 8 0.28 -1.92 -1.16
CA ALA A 8 -1.00 -2.45 -1.59
C ALA A 8 -2.09 -1.43 -1.35
N ARG A 9 -1.97 -0.71 -0.23
CA ARG A 9 -2.94 0.34 0.11
C ARG A 9 -2.90 1.46 -0.92
N ILE A 10 -1.75 1.65 -1.56
CA ILE A 10 -1.60 2.65 -2.61
C ILE A 10 -2.23 2.12 -3.90
N LYS A 11 -2.13 0.81 -4.12
CA LYS A 11 -2.74 0.18 -5.28
C LYS A 11 -4.26 0.26 -5.21
N LYS A 12 -4.79 0.26 -3.98
CA LYS A 12 -6.22 0.47 -3.78
C LYS A 12 -6.60 1.93 -4.00
N LYS A 13 -5.60 2.80 -4.00
CA LYS A 13 -5.83 4.23 -4.21
C LYS A 13 -5.90 4.52 -5.71
N ILE A 14 -4.85 4.17 -6.44
CA ILE A 14 -4.80 4.40 -7.87
C ILE A 14 -5.02 3.09 -8.63
N ILE A 1 7.48 0.91 9.33
CA ILE A 1 6.17 0.34 8.94
C ILE A 1 6.35 -0.76 7.90
N ASN A 2 5.32 -1.56 7.68
CA ASN A 2 5.35 -2.58 6.65
C ASN A 2 4.87 -1.99 5.34
N LEU A 3 5.82 -1.48 4.55
CA LEU A 3 5.48 -0.77 3.32
C LEU A 3 4.85 -1.68 2.28
N LYS A 4 4.98 -2.98 2.46
CA LYS A 4 4.29 -3.94 1.58
C LYS A 4 2.78 -3.73 1.68
N LYS A 5 2.32 -3.48 2.89
CA LYS A 5 0.91 -3.26 3.15
C LYS A 5 0.51 -1.83 2.78
N LEU A 6 1.37 -0.87 3.13
CA LEU A 6 1.13 0.53 2.81
C LEU A 6 1.03 0.73 1.30
N ALA A 7 1.91 0.05 0.58
CA ALA A 7 1.94 0.15 -0.87
C ALA A 7 0.72 -0.51 -1.50
N ALA A 8 0.32 -1.63 -0.90
CA ALA A 8 -0.86 -2.33 -1.34
C ALA A 8 -2.10 -1.47 -1.16
N ARG A 9 -2.13 -0.70 -0.07
CA ARG A 9 -3.24 0.21 0.19
C ARG A 9 -3.25 1.35 -0.84
N ILE A 10 -2.09 1.61 -1.41
CA ILE A 10 -1.96 2.64 -2.44
C ILE A 10 -2.41 2.10 -3.80
N LYS A 11 -2.15 0.81 -4.04
CA LYS A 11 -2.57 0.17 -5.28
C LYS A 11 -4.09 0.24 -5.46
N LYS A 12 -4.81 0.23 -4.34
CA LYS A 12 -6.26 0.36 -4.35
C LYS A 12 -6.67 1.81 -4.65
N LYS A 13 -5.81 2.74 -4.29
CA LYS A 13 -6.08 4.16 -4.51
C LYS A 13 -5.79 4.54 -5.95
N ILE A 14 -4.68 4.04 -6.48
CA ILE A 14 -4.29 4.32 -7.84
C ILE A 14 -4.84 3.24 -8.78
N ILE A 1 5.95 -0.16 10.08
CA ILE A 1 7.00 -0.88 9.34
C ILE A 1 6.38 -1.91 8.40
N ASN A 2 5.35 -1.50 7.68
CA ASN A 2 4.69 -2.39 6.72
C ASN A 2 4.53 -1.67 5.39
N LEU A 3 5.65 -1.46 4.73
CA LEU A 3 5.67 -0.78 3.44
C LEU A 3 4.95 -1.59 2.36
N LYS A 4 4.66 -2.86 2.68
CA LYS A 4 3.92 -3.70 1.76
C LYS A 4 2.45 -3.30 1.76
N LYS A 5 1.89 -3.14 2.96
CA LYS A 5 0.50 -2.75 3.13
C LYS A 5 0.30 -1.29 2.72
N LEU A 6 1.23 -0.44 3.11
CA LEU A 6 1.16 0.98 2.76
C LEU A 6 1.23 1.15 1.24
N ALA A 7 1.97 0.26 0.60
CA ALA A 7 2.08 0.26 -0.86
C ALA A 7 0.84 -0.35 -1.49
N ALA A 8 0.33 -1.39 -0.85
CA ALA A 8 -0.89 -2.04 -1.30
C ALA A 8 -2.06 -1.07 -1.24
N ARG A 9 -2.05 -0.18 -0.26
CA ARG A 9 -3.08 0.84 -0.15
C ARG A 9 -3.02 1.77 -1.37
N ILE A 10 -1.81 2.02 -1.84
CA ILE A 10 -1.62 2.87 -3.02
C ILE A 10 -2.14 2.14 -4.25
N LYS A 11 -1.82 0.84 -4.31
CA LYS A 11 -2.24 -0.02 -5.41
C LYS A 11 -3.76 -0.06 -5.51
N LYS A 12 -4.44 -0.11 -4.38
CA LYS A 12 -5.90 -0.11 -4.35
C LYS A 12 -6.47 1.28 -4.64
N LYS A 13 -5.85 2.31 -4.09
CA LYS A 13 -6.35 3.67 -4.26
C LYS A 13 -6.21 4.14 -5.71
N ILE A 14 -5.18 3.65 -6.40
CA ILE A 14 -4.95 4.02 -7.80
C ILE A 14 -5.57 2.96 -8.71
N ILE A 1 6.65 -1.57 11.02
CA ILE A 1 6.50 -0.90 9.72
C ILE A 1 6.27 -1.94 8.62
N ASN A 2 5.37 -1.64 7.69
CA ASN A 2 5.05 -2.55 6.61
C ASN A 2 4.75 -1.76 5.35
N LEU A 3 5.80 -1.40 4.62
CA LEU A 3 5.65 -0.62 3.40
C LEU A 3 4.87 -1.39 2.33
N LYS A 4 4.90 -2.72 2.39
CA LYS A 4 4.12 -3.53 1.46
C LYS A 4 2.62 -3.33 1.70
N LYS A 5 2.25 -3.12 2.95
CA LYS A 5 0.88 -2.84 3.31
C LYS A 5 0.47 -1.47 2.81
N LEU A 6 1.34 -0.49 3.03
CA LEU A 6 1.10 0.87 2.59
C LEU A 6 1.15 0.95 1.07
N ALA A 7 1.93 0.07 0.48
CA ALA A 7 2.04 -0.02 -0.97
C ALA A 7 0.74 -0.55 -1.55
N ALA A 8 0.19 -1.55 -0.88
CA ALA A 8 -1.11 -2.08 -1.26
C ALA A 8 -2.18 -1.04 -1.03
N ARG A 9 -1.99 -0.22 0.00
CA ARG A 9 -2.90 0.87 0.28
C ARG A 9 -2.88 1.90 -0.84
N ILE A 10 -1.79 1.94 -1.59
CA ILE A 10 -1.66 2.81 -2.75
C ILE A 10 -2.24 2.13 -3.99
N LYS A 11 -1.94 0.85 -4.13
CA LYS A 11 -2.37 0.06 -5.28
C LYS A 11 -3.90 -0.03 -5.38
N LYS A 12 -4.58 0.09 -4.24
CA LYS A 12 -6.03 0.12 -4.23
C LYS A 12 -6.57 1.51 -4.49
N LYS A 13 -5.72 2.52 -4.36
CA LYS A 13 -6.12 3.91 -4.61
C LYS A 13 -6.16 4.20 -6.10
N ILE A 14 -5.20 3.66 -6.84
CA ILE A 14 -5.13 3.90 -8.28
C ILE A 14 -4.86 2.60 -9.03
N ILE A 1 8.36 -0.69 10.09
CA ILE A 1 7.00 -0.56 9.54
C ILE A 1 6.77 -1.61 8.47
N ASN A 2 5.55 -1.70 7.97
CA ASN A 2 5.24 -2.65 6.91
C ASN A 2 4.71 -1.89 5.69
N LEU A 3 5.62 -1.26 4.97
CA LEU A 3 5.26 -0.43 3.82
C LEU A 3 4.70 -1.26 2.68
N LYS A 4 4.85 -2.58 2.76
CA LYS A 4 4.25 -3.48 1.77
C LYS A 4 2.73 -3.34 1.80
N LYS A 5 2.20 -3.14 3.01
CA LYS A 5 0.77 -2.98 3.20
C LYS A 5 0.33 -1.61 2.68
N LEU A 6 1.14 -0.60 2.95
CA LEU A 6 0.84 0.76 2.54
C LEU A 6 1.00 0.90 1.04
N ALA A 7 1.90 0.09 0.49
CA ALA A 7 2.12 0.06 -0.95
C ALA A 7 0.93 -0.59 -1.64
N ALA A 8 0.47 -1.69 -1.07
CA ALA A 8 -0.71 -2.37 -1.57
C ALA A 8 -1.93 -1.47 -1.40
N ARG A 9 -1.90 -0.65 -0.36
CA ARG A 9 -2.96 0.32 -0.12
C ARG A 9 -3.01 1.33 -1.27
N ILE A 10 -1.85 1.60 -1.86
CA ILE A 10 -1.75 2.55 -2.97
C ILE A 10 -2.39 1.94 -4.23
N LYS A 11 -2.27 0.63 -4.36
CA LYS A 11 -2.87 -0.08 -5.49
C LYS A 11 -4.40 0.03 -5.44
N LYS A 12 -4.95 0.16 -4.25
CA LYS A 12 -6.39 0.41 -4.09
C LYS A 12 -6.71 1.86 -4.45
N LYS A 13 -5.75 2.74 -4.24
CA LYS A 13 -5.95 4.17 -4.49
C LYS A 13 -5.95 4.47 -5.98
N ILE A 14 -4.94 4.00 -6.70
CA ILE A 14 -4.82 4.26 -8.12
C ILE A 14 -5.28 3.03 -8.90
N ILE A 1 4.53 0.01 10.46
CA ILE A 1 5.48 0.32 9.36
C ILE A 1 5.72 -0.92 8.51
N ASN A 2 4.89 -1.10 7.48
CA ASN A 2 5.01 -2.26 6.60
C ASN A 2 4.80 -1.83 5.16
N LEU A 3 5.88 -1.87 4.37
CA LEU A 3 5.84 -1.40 2.98
C LEU A 3 4.88 -2.23 2.13
N LYS A 4 4.75 -3.51 2.45
CA LYS A 4 3.84 -4.38 1.71
C LYS A 4 2.40 -3.88 1.88
N LYS A 5 2.11 -3.35 3.06
CA LYS A 5 0.79 -2.82 3.38
C LYS A 5 0.63 -1.42 2.81
N LEU A 6 1.62 -0.56 3.04
CA LEU A 6 1.57 0.82 2.61
C LEU A 6 1.53 0.93 1.09
N ALA A 7 2.28 0.06 0.43
CA ALA A 7 2.38 0.12 -1.02
C ALA A 7 1.13 -0.44 -1.68
N ALA A 8 0.65 -1.57 -1.18
CA ALA A 8 -0.56 -2.17 -1.69
C ALA A 8 -1.74 -1.25 -1.48
N ARG A 9 -1.73 -0.54 -0.35
CA ARG A 9 -2.81 0.40 -0.04
C ARG A 9 -2.83 1.54 -1.07
N ILE A 10 -1.70 1.76 -1.73
CA ILE A 10 -1.62 2.76 -2.78
C ILE A 10 -2.26 2.24 -4.06
N LYS A 11 -1.99 0.97 -4.36
CA LYS A 11 -2.56 0.31 -5.53
C LYS A 11 -4.09 0.30 -5.44
N LYS A 12 -4.61 0.11 -4.23
CA LYS A 12 -6.05 0.10 -4.02
C LYS A 12 -6.65 1.50 -4.18
N LYS A 13 -5.86 2.52 -3.88
CA LYS A 13 -6.34 3.90 -4.02
C LYS A 13 -6.18 4.42 -5.45
N ILE A 14 -5.21 3.88 -6.17
CA ILE A 14 -4.98 4.28 -7.55
C ILE A 14 -5.94 3.51 -8.47
N ILE A 1 6.52 -0.52 10.62
CA ILE A 1 5.98 0.07 9.39
C ILE A 1 6.23 -0.86 8.21
N ASN A 2 5.20 -1.56 7.76
CA ASN A 2 5.35 -2.47 6.62
C ASN A 2 4.92 -1.76 5.34
N LEU A 3 5.92 -1.39 4.54
CA LEU A 3 5.69 -0.62 3.32
C LEU A 3 4.90 -1.43 2.29
N LYS A 4 4.92 -2.74 2.41
CA LYS A 4 4.20 -3.59 1.46
C LYS A 4 2.69 -3.47 1.69
N LYS A 5 2.31 -3.24 2.93
CA LYS A 5 0.91 -3.07 3.28
C LYS A 5 0.42 -1.70 2.85
N LEU A 6 1.28 -0.70 2.99
CA LEU A 6 0.96 0.64 2.53
C LEU A 6 0.99 0.70 1.01
N ALA A 7 1.84 -0.13 0.42
CA ALA A 7 1.94 -0.22 -1.03
C ALA A 7 0.68 -0.82 -1.61
N ALA A 8 0.16 -1.83 -0.92
CA ALA A 8 -1.09 -2.45 -1.30
C ALA A 8 -2.23 -1.45 -1.18
N ARG A 9 -2.11 -0.55 -0.21
CA ARG A 9 -3.08 0.51 -0.06
C ARG A 9 -3.00 1.48 -1.23
N ILE A 10 -1.81 1.62 -1.79
CA ILE A 10 -1.59 2.49 -2.94
C ILE A 10 -2.19 1.87 -4.20
N LYS A 11 -2.03 0.55 -4.32
CA LYS A 11 -2.63 -0.21 -5.42
C LYS A 11 -4.14 0.02 -5.46
N LYS A 12 -4.77 0.01 -4.28
CA LYS A 12 -6.20 0.23 -4.16
C LYS A 12 -6.58 1.68 -4.45
N LYS A 13 -5.73 2.60 -4.02
CA LYS A 13 -6.03 4.03 -4.16
C LYS A 13 -5.83 4.53 -5.59
N ILE A 14 -4.70 4.17 -6.19
CA ILE A 14 -4.39 4.64 -7.53
C ILE A 14 -4.66 3.53 -8.54
N ILE A 1 6.37 -1.40 11.10
CA ILE A 1 5.87 -0.74 9.87
C ILE A 1 5.86 -1.74 8.72
N ASN A 2 4.95 -1.54 7.77
CA ASN A 2 4.84 -2.45 6.64
C ASN A 2 4.68 -1.67 5.33
N LEU A 3 5.82 -1.34 4.72
CA LEU A 3 5.82 -0.61 3.45
C LEU A 3 5.16 -1.43 2.34
N LYS A 4 5.15 -2.75 2.50
CA LYS A 4 4.47 -3.61 1.53
C LYS A 4 2.97 -3.38 1.62
N LYS A 5 2.48 -3.26 2.84
CA LYS A 5 1.08 -3.01 3.11
C LYS A 5 0.70 -1.61 2.63
N LEU A 6 1.53 -0.63 2.99
CA LEU A 6 1.32 0.75 2.58
C LEU A 6 1.36 0.87 1.06
N ALA A 7 2.15 0.02 0.44
CA ALA A 7 2.25 -0.01 -1.01
C ALA A 7 1.00 -0.60 -1.63
N ALA A 8 0.54 -1.69 -1.04
CA ALA A 8 -0.70 -2.32 -1.47
C ALA A 8 -1.88 -1.40 -1.21
N ARG A 9 -1.76 -0.56 -0.19
CA ARG A 9 -2.77 0.44 0.10
C ARG A 9 -2.79 1.51 -0.98
N ILE A 10 -1.66 1.72 -1.64
CA ILE A 10 -1.58 2.68 -2.73
C ILE A 10 -2.25 2.09 -3.98
N LYS A 11 -2.23 0.77 -4.09
CA LYS A 11 -2.91 0.07 -5.17
C LYS A 11 -4.42 0.36 -5.13
N LYS A 12 -4.95 0.54 -3.93
CA LYS A 12 -6.37 0.86 -3.75
C LYS A 12 -6.66 2.29 -4.21
N LYS A 13 -5.60 3.08 -4.34
CA LYS A 13 -5.74 4.48 -4.74
C LYS A 13 -5.67 4.61 -6.26
N ILE A 14 -5.63 3.48 -6.95
CA ILE A 14 -5.60 3.47 -8.40
C ILE A 14 -6.45 2.30 -8.92
N ILE A 1 6.07 -0.53 10.88
CA ILE A 1 6.06 -0.01 9.49
C ILE A 1 5.98 -1.19 8.52
N ASN A 2 5.05 -1.12 7.57
CA ASN A 2 4.89 -2.19 6.59
C ASN A 2 4.66 -1.60 5.21
N LEU A 3 5.75 -1.35 4.49
CA LEU A 3 5.69 -0.75 3.16
C LEU A 3 4.95 -1.64 2.17
N LYS A 4 4.88 -2.94 2.44
CA LYS A 4 4.12 -3.85 1.60
C LYS A 4 2.62 -3.56 1.71
N LYS A 5 2.18 -3.31 2.93
CA LYS A 5 0.79 -2.98 3.18
C LYS A 5 0.47 -1.59 2.66
N LEU A 6 1.38 -0.66 2.88
CA LEU A 6 1.25 0.70 2.36
C LEU A 6 1.23 0.69 0.84
N ALA A 7 1.97 -0.24 0.25
CA ALA A 7 2.00 -0.40 -1.20
C ALA A 7 0.64 -0.86 -1.70
N ALA A 8 0.05 -1.79 -0.98
CA ALA A 8 -1.28 -2.26 -1.29
C ALA A 8 -2.30 -1.16 -1.06
N ARG A 9 -2.03 -0.31 -0.08
CA ARG A 9 -2.88 0.85 0.18
C ARG A 9 -2.83 1.82 -0.99
N ILE A 10 -1.70 1.81 -1.71
CA ILE A 10 -1.53 2.68 -2.87
C ILE A 10 -2.12 2.02 -4.12
N LYS A 11 -1.80 0.75 -4.30
CA LYS A 11 -2.27 -0.02 -5.45
C LYS A 11 -3.80 0.02 -5.58
N LYS A 12 -4.48 -0.09 -4.45
CA LYS A 12 -5.93 -0.07 -4.44
C LYS A 12 -6.47 1.36 -4.50
N LYS A 13 -5.71 2.30 -3.95
CA LYS A 13 -6.12 3.70 -3.95
C LYS A 13 -6.07 4.28 -5.37
N ILE A 14 -4.95 4.08 -6.05
CA ILE A 14 -4.77 4.63 -7.37
C ILE A 14 -4.17 3.58 -8.31
#